data_3GAK
#
_entry.id   3GAK
#
_cell.length_a   62.920
_cell.length_b   62.920
_cell.length_c   318.590
_cell.angle_alpha   90.00
_cell.angle_beta   90.00
_cell.angle_gamma   120.00
#
_symmetry.space_group_name_H-M   'P 61'
#
loop_
_entity.id
_entity.type
_entity.pdbx_description
1 polymer 'Fructose-bisphosphate aldolase'
2 non-polymer 'ZINC ION'
3 non-polymer 'SULFATE ION'
#
_entity_poly.entity_id   1
_entity_poly.type   'polypeptide(L)'
_entity_poly.pdbx_seq_one_letter_code
;MPLCTLRQMLGEARKHKYGVGAFNVNNMEQIQGIMKAVVQLKSPVILQCSRGALKYSDMIYLKKLCEAALEKHPDIPICI
HLDHGDTLESVKMAIDLGFSSVMIDASHHPFDENVRITKEVVAYAHARGVSVEAELGTLGGIEEDVQNTVQLTEPQDAKK
FVELTGVDALAVAIGTSHGAYKFKSESDIRLAIDRVKTISDLTGIPLVMHGSSSVPKDVKDMINKYGGKMPDAVGVPIES
IVHAIGEGVCKINVDSDSRMAMTGAIRKVFVEHPEKFDPRDYLGPGRDAITEMLIPKIKAFGSAGHAGDYKVVSLEEAKA
WYK
;
_entity_poly.pdbx_strand_id   A,B
#
loop_
_chem_comp.id
_chem_comp.type
_chem_comp.name
_chem_comp.formula
SO4 non-polymer 'SULFATE ION' 'O4 S -2'
ZN non-polymer 'ZINC ION' 'Zn 2'
#
# COMPACT_ATOMS: atom_id res chain seq x y z
N PRO A 2 10.74 -6.04 16.68
CA PRO A 2 9.80 -5.53 17.64
C PRO A 2 9.75 -4.01 17.55
N LEU A 3 8.56 -3.45 17.79
CA LEU A 3 8.42 -1.99 17.85
C LEU A 3 9.36 -1.50 18.95
N CYS A 4 10.17 -0.48 18.64
CA CYS A 4 11.33 -0.11 19.47
C CYS A 4 11.32 1.36 19.70
N THR A 5 11.76 1.79 20.87
CA THR A 5 11.84 3.23 21.16
C THR A 5 13.05 3.84 20.49
N LEU A 6 12.93 5.09 20.05
CA LEU A 6 14.08 5.75 19.40
C LEU A 6 15.25 6.00 20.38
N ARG A 7 14.94 6.34 21.62
CA ARG A 7 16.01 6.41 22.61
C ARG A 7 16.91 5.18 22.57
N GLN A 8 16.34 3.97 22.59
CA GLN A 8 17.18 2.76 22.69
C GLN A 8 17.97 2.56 21.40
N MET A 9 17.25 2.54 20.28
CA MET A 9 17.86 2.24 18.99
C MET A 9 19.10 3.09 18.82
N LEU A 10 18.98 4.38 19.14
CA LEU A 10 20.08 5.32 18.99
C LEU A 10 21.12 5.21 20.11
N GLY A 11 20.64 4.91 21.33
CA GLY A 11 21.49 4.69 22.48
C GLY A 11 22.51 3.69 22.07
N GLU A 12 22.05 2.63 21.43
CA GLU A 12 22.99 1.63 20.93
C GLU A 12 23.81 2.13 19.78
N ALA A 13 23.19 2.92 18.91
CA ALA A 13 23.87 3.53 17.74
C ALA A 13 25.05 4.36 18.15
N ARG A 14 24.82 5.25 19.14
CA ARG A 14 25.84 6.12 19.76
C ARG A 14 26.95 5.37 20.48
N LYS A 15 26.55 4.50 21.40
CA LYS A 15 27.47 3.72 22.27
C LYS A 15 28.43 2.83 21.46
N HIS A 16 27.89 2.14 20.45
CA HIS A 16 28.71 1.30 19.63
C HIS A 16 29.37 1.98 18.44
N LYS A 17 29.25 3.30 18.36
CA LYS A 17 29.81 4.14 17.25
C LYS A 17 29.25 3.85 15.84
N TYR A 18 27.95 3.96 15.66
CA TYR A 18 27.37 3.84 14.32
C TYR A 18 26.05 4.64 14.11
N GLY A 19 25.50 4.61 12.91
CA GLY A 19 24.21 5.26 12.72
C GLY A 19 23.15 4.31 12.21
N VAL A 20 21.91 4.67 12.45
CA VAL A 20 20.79 3.92 11.93
C VAL A 20 20.17 4.81 10.88
N GLY A 21 19.94 4.27 9.68
CA GLY A 21 19.35 5.11 8.62
C GLY A 21 17.85 5.27 8.88
N ALA A 22 17.35 6.49 8.77
CA ALA A 22 15.94 6.80 9.03
C ALA A 22 15.21 6.96 7.71
N PHE A 23 14.26 6.10 7.41
CA PHE A 23 13.77 6.13 6.02
C PHE A 23 12.32 6.52 5.83
N ASN A 24 12.11 7.54 4.99
CA ASN A 24 10.77 8.07 4.78
C ASN A 24 9.83 7.12 4.05
N VAL A 25 8.63 6.96 4.58
CA VAL A 25 7.69 6.04 3.97
C VAL A 25 6.43 6.77 3.50
N ASN A 26 5.88 6.32 2.39
CA ASN A 26 4.59 6.81 1.92
C ASN A 26 3.61 5.68 1.61
N ASN A 27 4.13 4.63 0.97
CA ASN A 27 3.27 3.60 0.38
C ASN A 27 3.91 2.21 0.45
N MET A 28 3.16 1.21 0.01
CA MET A 28 3.58 -0.18 0.16
C MET A 28 4.98 -0.39 -0.41
N GLU A 29 5.09 -0.28 -1.72
CA GLU A 29 6.31 -0.69 -2.43
C GLU A 29 7.55 -0.07 -1.80
N GLN A 30 7.38 1.11 -1.20
CA GLN A 30 8.48 1.82 -0.57
C GLN A 30 8.96 1.09 0.68
N ILE A 31 8.02 0.68 1.53
CA ILE A 31 8.35 -0.08 2.73
C ILE A 31 8.99 -1.46 2.36
N GLN A 32 8.41 -2.20 1.44
CA GLN A 32 9.13 -3.39 0.99
C GLN A 32 10.63 -3.09 0.58
N GLY A 33 10.87 -1.95 -0.05
CA GLY A 33 12.22 -1.66 -0.51
C GLY A 33 13.16 -1.63 0.66
N ILE A 34 12.76 -0.83 1.64
CA ILE A 34 13.55 -0.48 2.82
C ILE A 34 13.81 -1.74 3.62
N MET A 35 12.71 -2.43 3.92
CA MET A 35 12.73 -3.65 4.70
C MET A 35 13.71 -4.72 4.18
N LYS A 36 13.65 -5.00 2.87
CA LYS A 36 14.47 -6.07 2.27
C LYS A 36 15.93 -5.78 2.49
N ALA A 37 16.29 -4.49 2.43
CA ALA A 37 17.66 -4.07 2.64
C ALA A 37 18.04 -4.33 4.10
N VAL A 38 17.28 -3.78 5.03
CA VAL A 38 17.66 -3.84 6.44
C VAL A 38 17.78 -5.29 6.89
N VAL A 39 16.78 -6.08 6.48
CA VAL A 39 16.72 -7.51 6.78
C VAL A 39 17.95 -8.16 6.19
N GLN A 40 18.27 -7.80 4.95
CA GLN A 40 19.35 -8.42 4.19
C GLN A 40 20.72 -8.01 4.77
N LEU A 41 20.66 -7.06 5.69
CA LEU A 41 21.82 -6.54 6.33
C LEU A 41 21.67 -6.52 7.85
N LYS A 42 20.66 -7.22 8.36
CA LYS A 42 20.49 -7.38 9.79
C LYS A 42 20.74 -6.05 10.50
N SER A 43 20.08 -5.01 10.00
CA SER A 43 20.17 -3.61 10.51
C SER A 43 18.92 -3.14 11.26
N PRO A 44 19.09 -2.41 12.38
CA PRO A 44 17.90 -1.80 12.94
C PRO A 44 17.36 -0.76 11.94
N VAL A 45 16.09 -0.42 12.04
CA VAL A 45 15.56 0.54 11.09
C VAL A 45 14.61 1.53 11.73
N ILE A 46 14.77 2.77 11.33
CA ILE A 46 13.81 3.81 11.62
C ILE A 46 12.90 4.04 10.40
N LEU A 47 11.59 3.77 10.54
CA LEU A 47 10.61 4.14 9.49
C LEU A 47 10.09 5.53 9.76
N GLN A 48 10.23 6.41 8.80
CA GLN A 48 9.86 7.78 9.05
C GLN A 48 8.56 8.14 8.40
N CYS A 49 7.73 8.87 9.11
CA CYS A 49 6.43 9.23 8.53
C CYS A 49 6.19 10.72 8.54
N SER A 50 6.39 11.37 7.40
CA SER A 50 6.20 12.82 7.32
C SER A 50 4.76 13.16 7.58
N ARG A 51 4.45 14.45 7.73
CA ARG A 51 3.07 14.85 7.90
C ARG A 51 2.35 14.91 6.55
N GLY A 52 3.09 15.31 5.52
CA GLY A 52 2.67 15.05 4.14
C GLY A 52 2.31 13.59 3.94
N ALA A 53 3.30 12.72 4.09
CA ALA A 53 3.09 11.28 4.06
C ALA A 53 1.75 10.86 4.68
N LEU A 54 1.54 11.13 5.98
CA LEU A 54 0.37 10.65 6.67
C LEU A 54 -0.92 11.14 6.02
N LYS A 55 -0.85 12.29 5.35
CA LYS A 55 -2.01 12.91 4.71
C LYS A 55 -2.39 12.20 3.39
N TYR A 56 -1.37 11.97 2.56
CA TYR A 56 -1.43 11.15 1.34
C TYR A 56 -2.01 9.71 1.57
N SER A 57 -1.64 9.08 2.70
CA SER A 57 -2.06 7.74 3.09
C SER A 57 -3.24 7.71 4.10
N ASP A 58 -3.84 8.87 4.33
CA ASP A 58 -5.00 9.08 5.22
C ASP A 58 -4.78 8.57 6.63
N MET A 59 -3.50 8.42 6.98
CA MET A 59 -3.05 7.95 8.28
C MET A 59 -3.10 6.43 8.36
N ILE A 60 -4.26 5.89 8.00
CA ILE A 60 -4.68 4.52 8.34
C ILE A 60 -4.02 3.41 7.49
N TYR A 61 -3.67 3.75 6.26
CA TYR A 61 -2.89 2.86 5.43
C TYR A 61 -1.45 2.85 5.90
N LEU A 62 -0.93 3.95 6.40
CA LEU A 62 0.42 3.90 6.92
C LEU A 62 0.49 3.14 8.25
N LYS A 63 -0.36 3.52 9.21
CA LYS A 63 -0.41 2.77 10.46
C LYS A 63 -0.33 1.27 10.12
N LYS A 64 -1.08 0.87 9.10
CA LYS A 64 -1.25 -0.56 8.84
C LYS A 64 -0.16 -1.21 7.97
N LEU A 65 0.46 -0.49 7.04
CA LEU A 65 1.66 -1.05 6.38
C LEU A 65 2.80 -1.19 7.37
N CYS A 66 2.99 -0.12 8.17
CA CYS A 66 3.99 -0.11 9.24
C CYS A 66 3.79 -1.30 10.17
N GLU A 67 2.53 -1.57 10.52
CA GLU A 67 2.18 -2.75 11.32
C GLU A 67 2.55 -4.08 10.62
N ALA A 68 2.51 -4.12 9.28
CA ALA A 68 2.84 -5.37 8.56
C ALA A 68 4.35 -5.65 8.60
N ALA A 69 5.16 -4.59 8.48
CA ALA A 69 6.59 -4.70 8.77
C ALA A 69 6.87 -5.41 10.12
N LEU A 70 6.27 -4.89 11.20
CA LEU A 70 6.41 -5.48 12.54
C LEU A 70 6.10 -6.98 12.69
N GLU A 71 5.09 -7.47 11.97
CA GLU A 71 4.75 -8.89 12.06
C GLU A 71 5.47 -9.77 11.02
N LYS A 72 5.84 -9.18 9.88
CA LYS A 72 6.63 -9.93 8.86
C LYS A 72 8.08 -10.07 9.27
N HIS A 73 8.60 -9.08 10.01
CA HIS A 73 10.01 -9.09 10.47
C HIS A 73 10.15 -8.90 11.96
N PRO A 74 9.82 -9.95 12.75
CA PRO A 74 9.83 -9.92 14.21
C PRO A 74 11.19 -9.58 14.82
N ASP A 75 12.25 -10.15 14.29
CA ASP A 75 13.52 -10.09 14.97
C ASP A 75 14.28 -8.83 14.54
N ILE A 76 13.56 -7.77 14.16
CA ILE A 76 14.22 -6.56 13.68
C ILE A 76 13.74 -5.40 14.52
N PRO A 77 14.69 -4.63 15.07
CA PRO A 77 14.24 -3.58 15.96
C PRO A 77 13.83 -2.45 15.05
N ILE A 78 12.52 -2.22 15.00
CA ILE A 78 11.89 -1.24 14.15
C ILE A 78 11.20 -0.19 15.01
N CYS A 79 11.48 1.05 14.67
CA CYS A 79 10.98 2.20 15.38
C CYS A 79 10.24 3.04 14.37
N ILE A 80 9.00 3.41 14.71
CA ILE A 80 8.11 4.17 13.84
C ILE A 80 8.10 5.61 14.36
N HIS A 81 8.55 6.52 13.52
CA HIS A 81 8.85 7.88 13.93
C HIS A 81 8.03 8.88 13.10
N LEU A 82 7.38 9.81 13.78
CA LEU A 82 6.69 10.92 13.12
C LEU A 82 7.76 11.89 12.69
N ASP A 83 7.66 12.37 11.45
CA ASP A 83 8.67 13.27 10.89
C ASP A 83 8.21 14.71 10.94
N HIS A 84 9.17 15.63 11.10
CA HIS A 84 8.92 17.04 10.85
C HIS A 84 7.59 17.49 11.42
N GLY A 85 7.28 17.01 12.62
CA GLY A 85 6.10 17.46 13.35
C GLY A 85 6.17 18.94 13.68
N ASP A 86 5.03 19.50 14.08
CA ASP A 86 4.89 20.95 14.21
C ASP A 86 3.99 21.30 15.40
N THR A 87 2.80 20.70 15.44
CA THR A 87 1.85 20.95 16.50
C THR A 87 1.94 19.83 17.55
N LEU A 88 1.49 20.14 18.76
CA LEU A 88 1.26 19.15 19.80
C LEU A 88 0.26 18.08 19.36
N GLU A 89 -0.66 18.46 18.48
CA GLU A 89 -1.76 17.60 18.12
C GLU A 89 -1.32 16.59 17.11
N SER A 90 -0.29 16.95 16.36
CA SER A 90 0.26 16.03 15.38
C SER A 90 0.93 14.87 16.13
N VAL A 91 1.78 15.17 17.11
CA VAL A 91 2.28 14.11 17.98
C VAL A 91 1.11 13.32 18.61
N LYS A 92 0.17 14.02 19.26
CA LYS A 92 -0.90 13.37 20.05
C LYS A 92 -1.58 12.29 19.22
N MET A 93 -1.62 12.54 17.91
CA MET A 93 -2.28 11.69 16.93
C MET A 93 -1.42 10.49 16.58
N ALA A 94 -0.21 10.75 16.11
CA ALA A 94 0.72 9.73 15.69
C ALA A 94 1.03 8.83 16.89
N ILE A 95 1.10 9.39 18.07
CA ILE A 95 1.21 8.49 19.19
C ILE A 95 0.10 7.40 19.09
N ASP A 96 -1.11 7.77 18.69
CA ASP A 96 -2.24 6.85 18.73
C ASP A 96 -2.45 6.04 17.42
N LEU A 97 -1.51 6.18 16.50
CA LEU A 97 -1.36 5.24 15.39
C LEU A 97 -0.33 4.17 15.82
N GLY A 98 -0.11 4.11 17.13
CA GLY A 98 0.86 3.25 17.77
C GLY A 98 2.30 3.56 17.40
N PHE A 99 2.57 4.80 17.01
CA PHE A 99 3.94 5.23 16.70
C PHE A 99 4.82 5.02 17.92
N SER A 100 6.13 4.95 17.71
CA SER A 100 7.03 4.78 18.88
C SER A 100 7.95 5.96 19.18
N SER A 101 8.04 6.90 18.24
CA SER A 101 8.97 8.02 18.31
C SER A 101 8.46 9.18 17.48
N VAL A 102 8.73 10.40 17.93
CA VAL A 102 8.18 11.61 17.26
C VAL A 102 9.12 12.79 17.24
N MET A 103 9.21 13.49 16.10
CA MET A 103 9.90 14.79 16.03
C MET A 103 8.90 15.93 16.12
N ILE A 104 9.22 16.90 16.99
CA ILE A 104 8.54 18.20 17.08
C ILE A 104 9.47 19.30 16.57
N ASP A 105 9.35 19.64 15.28
CA ASP A 105 10.21 20.68 14.69
C ASP A 105 9.65 22.10 14.80
N ALA A 106 10.15 22.78 15.83
CA ALA A 106 9.81 24.18 16.12
C ALA A 106 11.08 25.02 16.13
N SER A 107 11.96 24.74 15.17
CA SER A 107 13.26 25.36 15.05
C SER A 107 13.18 26.48 14.05
N HIS A 108 11.96 26.97 13.85
CA HIS A 108 11.74 28.19 13.11
C HIS A 108 11.44 29.32 14.10
N HIS A 109 10.90 28.93 15.26
CA HIS A 109 10.52 29.84 16.34
C HIS A 109 11.76 30.19 17.14
N PRO A 110 11.77 31.39 17.77
CA PRO A 110 12.97 31.75 18.56
C PRO A 110 13.26 30.75 19.69
N PHE A 111 14.55 30.58 19.96
CA PHE A 111 15.08 29.58 20.87
C PHE A 111 14.26 29.31 22.14
N ASP A 112 13.71 30.36 22.75
CA ASP A 112 12.90 30.21 23.97
C ASP A 112 11.56 29.51 23.71
N GLU A 113 10.92 29.85 22.58
CA GLU A 113 9.60 29.32 22.22
C GLU A 113 9.74 27.87 21.74
N ASN A 114 10.83 27.58 21.03
CA ASN A 114 11.21 26.20 20.70
C ASN A 114 11.24 25.37 22.01
N VAL A 115 11.83 25.96 23.05
CA VAL A 115 11.98 25.24 24.30
C VAL A 115 10.65 24.89 24.88
N ARG A 116 9.72 25.85 24.86
CA ARG A 116 8.39 25.69 25.44
C ARG A 116 7.62 24.65 24.68
N ILE A 117 7.71 24.71 23.35
CA ILE A 117 6.92 23.83 22.46
C ILE A 117 7.39 22.38 22.59
N THR A 118 8.70 22.21 22.68
CA THR A 118 9.29 20.88 22.84
C THR A 118 8.93 20.36 24.20
N LYS A 119 9.20 21.15 25.25
CA LYS A 119 8.85 20.72 26.60
C LYS A 119 7.40 20.22 26.62
N GLU A 120 6.58 20.80 25.74
CA GLU A 120 5.17 20.44 25.65
C GLU A 120 5.02 18.97 25.19
N VAL A 121 5.75 18.60 24.15
CA VAL A 121 5.76 17.26 23.53
C VAL A 121 6.42 16.22 24.41
N VAL A 122 7.51 16.60 25.06
CA VAL A 122 8.28 15.67 25.88
C VAL A 122 7.49 15.17 27.08
N ALA A 123 6.73 16.05 27.72
CA ALA A 123 5.80 15.63 28.77
C ALA A 123 4.75 14.65 28.23
N TYR A 124 4.33 14.88 26.97
CA TYR A 124 3.38 13.97 26.36
C TYR A 124 4.04 12.64 25.98
N ALA A 125 4.97 12.69 25.02
CA ALA A 125 5.67 11.50 24.54
C ALA A 125 6.05 10.55 25.66
N HIS A 126 6.83 11.10 26.59
CA HIS A 126 7.51 10.32 27.63
C HIS A 126 6.58 9.68 28.60
N ALA A 127 5.40 10.26 28.72
CA ALA A 127 4.40 9.77 29.62
C ALA A 127 3.95 8.43 29.10
N ARG A 128 4.06 8.25 27.78
CA ARG A 128 3.67 7.03 27.06
C ARG A 128 4.85 6.11 26.68
N GLY A 129 6.07 6.53 27.02
CA GLY A 129 7.27 5.79 26.70
C GLY A 129 7.88 6.31 25.42
N VAL A 130 7.05 6.93 24.58
CA VAL A 130 7.44 7.46 23.31
C VAL A 130 8.64 8.40 23.38
N SER A 131 9.56 8.23 22.42
CA SER A 131 10.77 9.05 22.29
C SER A 131 10.51 10.35 21.50
N VAL A 132 11.44 11.32 21.61
CA VAL A 132 11.25 12.64 21.06
C VAL A 132 12.49 13.30 20.48
N GLU A 133 12.40 13.70 19.22
CA GLU A 133 13.51 14.35 18.54
C GLU A 133 13.07 15.80 18.27
N ALA A 134 13.98 16.75 18.49
CA ALA A 134 13.72 18.18 18.30
C ALA A 134 14.77 18.66 17.35
N GLU A 135 14.84 19.97 17.08
CA GLU A 135 15.85 20.54 16.16
C GLU A 135 16.27 21.93 16.62
N LEU A 136 17.56 22.24 16.46
CA LEU A 136 18.10 23.59 16.73
C LEU A 136 18.90 24.15 15.52
N GLY A 137 18.32 25.16 14.85
CA GLY A 137 18.88 25.73 13.61
C GLY A 137 17.95 25.69 12.39
N THR A 153 24.60 25.22 13.63
CA THR A 153 24.34 25.90 14.89
C THR A 153 25.58 26.06 15.74
N GLU A 154 25.38 26.57 16.96
CA GLU A 154 26.42 26.85 17.91
C GLU A 154 26.21 25.92 19.10
N PRO A 155 27.21 25.06 19.39
CA PRO A 155 27.31 24.10 20.52
C PRO A 155 26.72 24.50 21.88
N GLN A 156 27.03 25.71 22.37
CA GLN A 156 26.49 26.15 23.66
C GLN A 156 24.97 26.04 23.77
N ASP A 157 24.25 26.68 22.83
CA ASP A 157 22.77 26.57 22.73
C ASP A 157 22.24 25.12 22.76
N ALA A 158 22.98 24.23 22.08
CA ALA A 158 22.62 22.82 21.96
C ALA A 158 22.62 22.18 23.31
N LYS A 159 23.55 22.61 24.16
CA LYS A 159 23.67 22.09 25.52
C LYS A 159 22.41 22.45 26.30
N LYS A 160 22.14 23.76 26.42
CA LYS A 160 21.07 24.26 27.30
C LYS A 160 19.69 23.81 26.89
N PHE A 161 19.51 23.70 25.58
CA PHE A 161 18.25 23.36 25.01
C PHE A 161 17.87 21.98 25.49
N VAL A 162 18.84 21.05 25.40
CA VAL A 162 18.64 19.69 25.89
C VAL A 162 18.42 19.73 27.40
N GLU A 163 19.26 20.51 28.06
CA GLU A 163 19.17 20.70 29.49
C GLU A 163 17.71 21.11 29.81
N LEU A 164 17.18 22.05 29.03
CA LEU A 164 15.89 22.60 29.36
C LEU A 164 14.70 21.81 28.81
N THR A 165 14.92 20.97 27.80
CA THR A 165 13.83 20.18 27.17
C THR A 165 13.88 18.67 27.51
N GLY A 166 15.04 18.06 27.42
CA GLY A 166 15.15 16.66 27.85
C GLY A 166 14.62 15.69 26.81
N VAL A 167 14.91 16.00 25.53
CA VAL A 167 14.54 15.16 24.41
C VAL A 167 15.53 14.02 24.30
N ASP A 168 15.13 12.97 23.59
CA ASP A 168 15.95 11.79 23.45
C ASP A 168 16.92 11.90 22.25
N ALA A 169 16.70 12.88 21.36
CA ALA A 169 17.60 13.11 20.23
C ALA A 169 17.49 14.53 19.69
N LEU A 170 18.57 15.04 19.14
CA LEU A 170 18.55 16.40 18.69
C LEU A 170 19.23 16.53 17.35
N ALA A 171 18.43 16.92 16.35
CA ALA A 171 18.87 17.24 14.99
C ALA A 171 19.67 18.53 15.01
N VAL A 172 20.55 18.73 14.03
CA VAL A 172 21.35 19.96 14.04
C VAL A 172 21.60 20.59 12.68
N ALA A 173 21.94 21.88 12.72
CA ALA A 173 22.51 22.61 11.59
C ALA A 173 24.05 22.45 11.52
N ILE A 174 24.55 21.96 10.37
CA ILE A 174 25.97 21.57 10.24
C ILE A 174 26.60 21.80 8.85
N LEU A 191 30.09 20.89 3.90
CA LEU A 191 29.62 20.40 5.20
C LEU A 191 30.52 20.92 6.33
N ALA A 192 29.93 21.15 7.51
CA ALA A 192 30.65 21.46 8.77
C ALA A 192 30.61 20.27 9.74
N ILE A 193 31.79 19.83 10.21
CA ILE A 193 31.96 18.53 10.90
C ILE A 193 32.85 18.56 12.19
N ASP A 194 32.95 19.73 12.84
CA ASP A 194 33.72 19.84 14.10
C ASP A 194 32.79 20.17 15.27
N ARG A 195 31.70 20.89 14.92
CA ARG A 195 30.60 21.13 15.84
C ARG A 195 29.99 19.80 16.32
N VAL A 196 29.85 18.83 15.42
CA VAL A 196 29.23 17.56 15.75
C VAL A 196 29.85 16.88 16.97
N LYS A 197 31.17 16.92 17.11
CA LYS A 197 31.78 16.37 18.34
C LYS A 197 31.53 17.23 19.59
N THR A 198 31.83 18.51 19.48
CA THR A 198 31.50 19.46 20.53
C THR A 198 30.03 19.29 21.01
N ILE A 199 29.07 19.59 20.12
CA ILE A 199 27.65 19.40 20.39
C ILE A 199 27.31 18.04 20.95
N SER A 200 27.89 16.98 20.38
CA SER A 200 27.70 15.65 20.91
C SER A 200 28.10 15.58 22.38
N ASP A 201 29.28 16.13 22.69
CA ASP A 201 29.92 15.93 23.99
C ASP A 201 29.32 16.81 25.13
N LEU A 202 28.99 18.07 24.80
CA LEU A 202 28.34 18.97 25.76
C LEU A 202 26.92 18.49 26.10
N THR A 203 26.16 18.01 25.09
CA THR A 203 24.79 17.46 25.26
C THR A 203 24.77 16.01 25.68
N GLY A 204 25.80 15.27 25.29
CA GLY A 204 25.89 13.84 25.60
C GLY A 204 24.80 12.95 25.04
N ILE A 205 24.22 13.33 23.89
CA ILE A 205 23.09 12.56 23.38
C ILE A 205 23.21 12.26 21.87
N PRO A 206 22.30 11.43 21.35
CA PRO A 206 22.23 11.17 19.92
C PRO A 206 21.87 12.40 19.06
N LEU A 207 22.77 12.77 18.16
CA LEU A 207 22.50 13.83 17.20
C LEU A 207 21.80 13.23 16.00
N VAL A 208 21.31 14.09 15.08
CA VAL A 208 20.59 13.69 13.86
C VAL A 208 20.83 14.61 12.65
N MET A 209 21.18 13.99 11.52
CA MET A 209 21.38 14.69 10.25
C MET A 209 20.15 14.65 9.33
N HIS A 210 19.56 15.81 9.06
CA HIS A 210 18.42 15.89 8.15
C HIS A 210 18.87 16.28 6.76
N GLY A 211 18.01 16.09 5.76
CA GLY A 211 18.42 16.36 4.36
C GLY A 211 19.77 15.76 3.94
N SER A 212 19.90 14.45 4.11
CA SER A 212 21.17 13.73 4.12
C SER A 212 21.41 12.96 2.82
N SER A 213 20.93 13.54 1.71
CA SER A 213 20.93 12.84 0.41
C SER A 213 22.19 13.04 -0.43
N SER A 214 22.61 11.94 -1.09
CA SER A 214 23.84 11.89 -1.88
C SER A 214 23.64 12.19 -3.37
N VAL A 215 22.47 11.83 -3.90
CA VAL A 215 22.18 12.02 -5.32
C VAL A 215 23.24 11.36 -6.19
N PRO A 216 23.39 10.04 -6.06
CA PRO A 216 24.48 9.32 -6.71
C PRO A 216 24.46 9.51 -8.22
N LYS A 217 25.65 9.62 -8.82
CA LYS A 217 25.76 9.81 -10.26
C LYS A 217 24.74 8.97 -11.01
N ASP A 218 24.45 7.79 -10.48
CA ASP A 218 23.71 6.76 -11.25
C ASP A 218 22.17 6.87 -11.18
N VAL A 219 21.64 7.22 -10.02
CA VAL A 219 20.19 7.39 -9.89
C VAL A 219 19.74 8.65 -10.62
N LYS A 220 20.59 9.70 -10.58
CA LYS A 220 20.35 10.95 -11.36
C LYS A 220 20.41 10.70 -12.89
N ASP A 221 21.48 10.02 -13.31
CA ASP A 221 21.75 9.76 -14.72
C ASP A 221 20.72 8.77 -15.31
N MET A 222 20.29 7.81 -14.48
CA MET A 222 19.18 6.87 -14.81
C MET A 222 17.93 7.67 -15.11
N ILE A 223 17.72 8.72 -14.32
CA ILE A 223 16.61 9.62 -14.57
C ILE A 223 16.88 10.45 -15.82
N ASN A 224 17.76 11.44 -15.77
CA ASN A 224 17.97 12.32 -16.95
C ASN A 224 17.92 11.61 -18.31
N LYS A 225 18.57 10.44 -18.39
CA LYS A 225 18.57 9.59 -19.59
C LYS A 225 17.17 9.23 -20.08
N TYR A 226 16.41 8.55 -19.24
CA TYR A 226 15.11 8.01 -19.65
C TYR A 226 13.99 9.03 -19.71
N GLY A 227 14.34 10.31 -19.77
CA GLY A 227 13.35 11.35 -20.00
C GLY A 227 13.20 12.38 -18.91
N GLY A 228 13.71 12.11 -17.72
CA GLY A 228 13.68 13.07 -16.59
C GLY A 228 14.46 14.34 -16.87
N LYS A 229 14.41 15.31 -15.95
CA LYS A 229 15.11 16.61 -16.11
C LYS A 229 15.20 17.35 -14.76
N MET A 230 15.96 16.78 -13.84
CA MET A 230 16.59 17.52 -12.75
C MET A 230 18.06 17.10 -12.80
N PRO A 231 18.92 18.01 -13.31
CA PRO A 231 20.35 17.86 -13.71
C PRO A 231 21.51 18.04 -12.68
N ASP A 232 21.32 18.93 -11.72
CA ASP A 232 22.39 19.28 -10.79
C ASP A 232 22.13 18.68 -9.41
N ALA A 233 21.61 19.50 -8.50
CA ALA A 233 20.99 18.99 -7.28
C ALA A 233 22.02 18.38 -6.34
N VAL A 234 23.24 18.92 -6.40
CA VAL A 234 23.92 19.37 -5.19
C VAL A 234 23.95 18.28 -4.12
N GLY A 235 24.81 17.28 -4.33
CA GLY A 235 24.79 16.08 -3.51
C GLY A 235 25.51 16.26 -2.19
N VAL A 236 25.33 15.31 -1.28
CA VAL A 236 26.06 15.30 -0.02
C VAL A 236 26.77 13.97 0.20
N PRO A 237 28.10 14.01 0.17
CA PRO A 237 28.91 12.81 -0.04
C PRO A 237 28.78 11.87 1.17
N ILE A 238 28.59 10.58 0.91
CA ILE A 238 28.45 9.57 1.98
C ILE A 238 29.66 9.52 2.95
N GLU A 239 30.83 9.80 2.39
CA GLU A 239 32.10 9.89 3.09
C GLU A 239 31.99 10.93 4.25
N SER A 240 31.37 12.06 3.97
CA SER A 240 31.12 13.13 4.96
C SER A 240 30.21 12.67 6.09
N ILE A 241 29.26 11.81 5.74
CA ILE A 241 28.27 11.37 6.68
C ILE A 241 28.93 10.37 7.60
N VAL A 242 29.62 9.39 7.03
CA VAL A 242 30.41 8.44 7.82
C VAL A 242 31.28 9.17 8.88
N HIS A 243 32.00 10.21 8.45
CA HIS A 243 32.92 10.98 9.30
C HIS A 243 32.11 11.69 10.39
N ALA A 244 30.92 12.16 10.01
CA ALA A 244 30.00 12.76 10.97
C ALA A 244 29.55 11.77 12.05
N ILE A 245 29.30 10.52 11.64
CA ILE A 245 28.74 9.47 12.51
C ILE A 245 29.67 9.17 13.70
N GLY A 246 30.97 9.06 13.41
CA GLY A 246 31.98 8.97 14.46
C GLY A 246 31.98 10.16 15.44
N GLU A 247 31.50 11.31 14.98
CA GLU A 247 31.43 12.48 15.88
C GLU A 247 30.14 12.47 16.68
N GLY A 248 29.25 11.54 16.32
CA GLY A 248 28.05 11.29 17.14
C GLY A 248 26.69 11.59 16.53
N VAL A 249 26.63 11.73 15.20
CA VAL A 249 25.38 11.59 14.46
C VAL A 249 25.03 10.11 14.42
N CYS A 250 23.94 9.76 15.12
CA CYS A 250 23.43 8.41 15.27
C CYS A 250 22.17 8.10 14.42
N LYS A 251 21.65 9.11 13.72
CA LYS A 251 20.41 8.98 12.99
C LYS A 251 20.59 9.69 11.65
N ILE A 252 20.35 9.00 10.53
CA ILE A 252 20.53 9.63 9.21
C ILE A 252 19.28 9.75 8.30
N ASN A 253 18.54 10.84 8.46
CA ASN A 253 17.31 11.07 7.66
C ASN A 253 17.47 11.10 6.11
N VAL A 254 17.12 9.99 5.46
CA VAL A 254 17.08 9.93 3.98
C VAL A 254 15.66 9.90 3.36
N ASP A 255 15.38 10.84 2.46
CA ASP A 255 14.10 10.88 1.71
C ASP A 255 14.36 10.86 0.16
N SER A 256 14.86 11.96 -0.39
CA SER A 256 14.92 12.14 -1.85
C SER A 256 15.70 11.07 -2.59
N ASP A 257 16.74 10.54 -1.97
CA ASP A 257 17.49 9.44 -2.58
C ASP A 257 16.58 8.26 -2.89
N SER A 258 15.70 7.93 -1.94
CA SER A 258 14.70 6.86 -2.10
C SER A 258 13.71 7.18 -3.23
N ARG A 259 13.15 8.40 -3.20
CA ARG A 259 12.22 8.93 -4.21
C ARG A 259 12.87 8.82 -5.60
N MET A 260 14.09 9.32 -5.74
CA MET A 260 14.75 9.25 -7.04
C MET A 260 14.84 7.89 -7.69
N ALA A 261 15.70 7.02 -7.13
CA ALA A 261 15.73 5.56 -7.40
C ALA A 261 14.44 4.91 -7.93
N MET A 262 13.31 5.09 -7.25
CA MET A 262 12.03 4.64 -7.81
C MET A 262 11.77 5.26 -9.22
N THR A 263 11.65 6.59 -9.30
CA THR A 263 11.47 7.29 -10.58
C THR A 263 12.60 6.98 -11.55
N GLY A 264 13.56 6.21 -11.09
CA GLY A 264 14.60 5.76 -11.98
C GLY A 264 14.06 4.62 -12.82
N ALA A 265 13.67 3.54 -12.12
CA ALA A 265 13.23 2.29 -12.76
C ALA A 265 11.96 2.46 -13.60
N ILE A 266 11.01 3.24 -13.11
CA ILE A 266 9.73 3.43 -13.79
C ILE A 266 9.94 4.06 -15.17
N ARG A 267 10.90 4.96 -15.28
CA ARG A 267 11.18 5.59 -16.55
C ARG A 267 11.79 4.56 -17.50
N LYS A 268 12.73 3.76 -16.98
CA LYS A 268 13.35 2.64 -17.69
C LYS A 268 12.32 1.73 -18.34
N VAL A 269 11.34 1.27 -17.55
CA VAL A 269 10.34 0.31 -18.05
C VAL A 269 9.45 0.97 -19.11
N PHE A 270 9.08 2.23 -18.82
CA PHE A 270 8.33 3.03 -19.77
C PHE A 270 8.99 3.16 -21.12
N VAL A 271 10.32 3.24 -21.16
CA VAL A 271 11.01 3.31 -22.45
C VAL A 271 11.22 1.92 -23.12
N GLU A 272 11.88 1.01 -22.40
CA GLU A 272 12.13 -0.36 -22.90
C GLU A 272 10.86 -1.14 -23.19
N HIS A 273 9.78 -0.81 -22.49
CA HIS A 273 8.52 -1.51 -22.67
C HIS A 273 7.29 -0.57 -22.63
N PRO A 274 7.15 0.21 -23.72
CA PRO A 274 6.02 1.11 -24.00
C PRO A 274 4.68 0.38 -23.85
N GLU A 275 4.70 -0.92 -24.13
CA GLU A 275 3.53 -1.76 -24.08
C GLU A 275 3.12 -2.14 -22.65
N LYS A 276 4.10 -2.41 -21.80
CA LYS A 276 3.78 -2.83 -20.43
C LYS A 276 2.94 -1.77 -19.72
N PHE A 277 1.95 -2.21 -18.96
CA PHE A 277 1.03 -1.24 -18.39
C PHE A 277 0.52 -1.57 -17.00
N ASP A 278 0.90 -2.74 -16.47
CA ASP A 278 0.57 -3.12 -15.09
C ASP A 278 1.49 -2.46 -14.04
N PRO A 279 0.91 -1.74 -13.06
CA PRO A 279 1.69 -1.14 -11.95
C PRO A 279 2.76 -2.08 -11.37
N ARG A 280 2.38 -3.30 -10.99
CA ARG A 280 3.38 -4.28 -10.61
C ARG A 280 4.59 -4.36 -11.57
N ASP A 281 4.39 -4.04 -12.84
CA ASP A 281 5.46 -4.28 -13.83
C ASP A 281 6.53 -3.22 -13.84
N TYR A 282 6.22 -2.04 -13.31
CA TYR A 282 7.19 -0.99 -13.15
C TYR A 282 7.33 -0.60 -11.68
N LEU A 283 6.22 -0.58 -10.93
CA LEU A 283 6.25 -0.39 -9.45
C LEU A 283 7.13 -1.44 -8.71
N GLY A 284 7.29 -2.64 -9.32
CA GLY A 284 8.15 -3.71 -8.85
C GLY A 284 9.62 -3.34 -8.88
N PRO A 285 10.18 -3.08 -10.07
CA PRO A 285 11.53 -2.51 -10.22
C PRO A 285 11.83 -1.22 -9.44
N GLY A 286 10.86 -0.38 -9.14
CA GLY A 286 11.14 0.76 -8.24
C GLY A 286 11.54 0.32 -6.83
N ARG A 287 10.76 -0.62 -6.31
CA ARG A 287 10.99 -1.22 -5.00
C ARG A 287 12.42 -1.76 -4.91
N ASP A 288 12.83 -2.50 -5.93
CA ASP A 288 14.20 -3.02 -5.96
C ASP A 288 15.21 -1.87 -6.00
N ALA A 289 15.05 -0.96 -6.96
CA ALA A 289 15.81 0.27 -7.00
C ALA A 289 16.02 0.83 -5.59
N ILE A 290 14.94 0.96 -4.80
CA ILE A 290 15.11 1.39 -3.43
C ILE A 290 16.05 0.41 -2.69
N THR A 291 15.64 -0.83 -2.51
CA THR A 291 16.51 -1.82 -1.88
C THR A 291 18.01 -1.70 -2.28
N GLU A 292 18.30 -1.62 -3.58
CA GLU A 292 19.69 -1.65 -4.08
C GLU A 292 20.41 -0.27 -4.03
N MET A 293 19.71 0.77 -3.64
CA MET A 293 20.35 2.04 -3.31
C MET A 293 20.48 2.24 -1.79
N LEU A 294 19.70 1.53 -0.99
CA LEU A 294 19.92 1.63 0.44
C LEU A 294 21.15 0.86 0.92
N ILE A 295 21.27 -0.39 0.48
CA ILE A 295 22.35 -1.31 0.87
C ILE A 295 23.78 -0.73 1.05
N PRO A 296 24.32 0.07 0.09
CA PRO A 296 25.62 0.68 0.41
C PRO A 296 25.50 1.68 1.55
N LYS A 297 24.47 2.54 1.46
CA LYS A 297 24.19 3.56 2.46
C LYS A 297 24.29 2.89 3.83
N ILE A 298 23.35 2.00 4.17
CA ILE A 298 23.38 1.25 5.44
C ILE A 298 24.80 0.76 5.85
N LYS A 299 25.37 -0.16 5.06
CA LYS A 299 26.77 -0.56 5.17
C LYS A 299 27.62 0.59 5.70
N ALA A 300 27.66 1.69 4.94
CA ALA A 300 28.48 2.85 5.30
C ALA A 300 28.13 3.38 6.70
N PHE A 301 26.84 3.31 7.03
CA PHE A 301 26.33 3.76 8.33
C PHE A 301 26.76 2.82 9.46
N GLY A 302 26.94 1.54 9.12
CA GLY A 302 27.49 0.53 10.02
C GLY A 302 26.55 -0.19 10.98
N SER A 303 25.25 -0.11 10.72
CA SER A 303 24.25 -0.86 11.51
C SER A 303 24.04 -2.29 10.99
N ALA A 304 24.60 -2.55 9.81
CA ALA A 304 24.70 -3.88 9.26
C ALA A 304 25.06 -4.87 10.37
N GLY A 305 24.14 -5.75 10.71
CA GLY A 305 24.46 -6.85 11.61
C GLY A 305 24.27 -6.60 13.08
N HIS A 306 23.85 -5.39 13.45
CA HIS A 306 23.65 -5.09 14.86
C HIS A 306 22.23 -5.38 15.26
N ALA A 307 21.43 -5.93 14.34
CA ALA A 307 20.00 -6.02 14.64
C ALA A 307 19.68 -6.90 15.86
N GLY A 308 20.43 -7.99 16.04
CA GLY A 308 20.21 -8.88 17.18
C GLY A 308 20.92 -8.45 18.49
N ASP A 309 21.67 -7.33 18.42
CA ASP A 309 22.46 -6.79 19.54
C ASP A 309 21.78 -6.69 20.95
N TYR A 310 20.45 -6.66 21.05
CA TYR A 310 19.81 -6.26 22.32
C TYR A 310 18.36 -6.68 22.45
N LYS A 311 17.83 -6.67 23.67
CA LYS A 311 16.42 -6.97 23.87
C LYS A 311 15.64 -5.66 23.82
N VAL A 312 14.61 -5.62 22.96
CA VAL A 312 13.97 -4.36 22.69
C VAL A 312 13.04 -4.02 23.84
N VAL A 313 13.24 -2.83 24.40
CA VAL A 313 12.32 -2.37 25.42
C VAL A 313 11.15 -1.65 24.75
N SER A 314 9.97 -1.80 25.36
CA SER A 314 8.72 -1.44 24.74
C SER A 314 8.06 -0.23 25.41
N LEU A 315 7.26 0.49 24.64
CA LEU A 315 6.50 1.61 25.12
C LEU A 315 5.98 1.51 26.57
N GLU A 316 5.48 0.34 26.98
CA GLU A 316 5.05 0.19 28.38
C GLU A 316 6.24 0.27 29.36
N GLU A 317 7.09 -0.76 29.30
CA GLU A 317 8.30 -0.87 30.12
C GLU A 317 9.07 0.47 30.16
N ALA A 318 8.94 1.28 29.12
CA ALA A 318 9.82 2.44 28.89
C ALA A 318 9.35 3.74 29.57
N LYS A 319 8.11 3.75 30.02
CA LYS A 319 7.64 4.78 30.92
C LYS A 319 8.67 4.87 32.08
N ALA A 320 9.04 3.71 32.58
CA ALA A 320 10.04 3.60 33.63
C ALA A 320 11.18 4.56 33.42
N TRP A 321 11.68 4.70 32.19
CA TRP A 321 12.81 5.63 31.95
C TRP A 321 12.64 7.05 32.44
N TYR A 322 11.38 7.50 32.51
CA TYR A 322 11.08 8.90 32.81
C TYR A 322 10.25 9.04 34.10
N PRO B 2 -18.61 -2.68 7.30
CA PRO B 2 -17.91 -3.82 7.80
C PRO B 2 -17.63 -4.84 6.71
N LEU B 3 -17.01 -5.93 7.11
CA LEU B 3 -16.62 -6.93 6.15
C LEU B 3 -17.76 -7.92 5.90
N CYS B 4 -18.04 -8.06 4.60
CA CYS B 4 -19.28 -8.56 4.08
C CYS B 4 -19.07 -9.79 3.19
N THR B 5 -20.03 -10.71 3.26
CA THR B 5 -20.05 -11.93 2.48
C THR B 5 -20.60 -11.69 1.07
N LEU B 6 -20.14 -12.53 0.14
CA LEU B 6 -20.54 -12.43 -1.23
C LEU B 6 -21.94 -12.98 -1.37
N ARG B 7 -22.31 -13.98 -0.57
CA ARG B 7 -23.72 -14.42 -0.62
C ARG B 7 -24.57 -13.17 -0.47
N GLN B 8 -24.29 -12.38 0.56
CA GLN B 8 -25.17 -11.27 0.87
C GLN B 8 -25.08 -10.08 -0.12
N MET B 9 -23.92 -9.46 -0.22
CA MET B 9 -23.73 -8.37 -1.14
C MET B 9 -24.22 -8.68 -2.55
N LEU B 10 -24.14 -9.95 -2.95
CA LEU B 10 -24.67 -10.35 -4.25
C LEU B 10 -26.13 -10.73 -4.09
N GLY B 11 -26.48 -11.11 -2.87
CA GLY B 11 -27.85 -11.46 -2.55
C GLY B 11 -28.71 -10.28 -2.90
N GLU B 12 -28.33 -9.12 -2.35
CA GLU B 12 -29.11 -7.89 -2.52
C GLU B 12 -28.93 -7.37 -3.93
N ALA B 13 -27.94 -7.91 -4.63
CA ALA B 13 -27.69 -7.49 -5.98
C ALA B 13 -28.68 -8.19 -6.94
N ARG B 14 -28.90 -9.47 -6.72
CA ARG B 14 -29.75 -10.29 -7.58
C ARG B 14 -31.19 -9.81 -7.49
N LYS B 15 -31.70 -9.85 -6.25
CA LYS B 15 -32.98 -9.32 -5.81
C LYS B 15 -33.36 -7.93 -6.39
N HIS B 16 -32.38 -7.04 -6.55
CA HIS B 16 -32.64 -5.63 -6.88
C HIS B 16 -32.13 -5.25 -8.30
N LYS B 17 -31.83 -6.28 -9.09
CA LYS B 17 -31.49 -6.13 -10.51
C LYS B 17 -30.38 -5.09 -10.73
N TYR B 18 -29.32 -5.20 -9.93
CA TYR B 18 -28.14 -4.37 -10.12
C TYR B 18 -26.91 -5.21 -9.83
N GLY B 19 -25.75 -4.72 -10.26
CA GLY B 19 -24.49 -5.47 -10.14
C GLY B 19 -23.37 -4.71 -9.47
N VAL B 20 -22.58 -5.45 -8.68
CA VAL B 20 -21.43 -4.91 -7.92
C VAL B 20 -20.11 -5.17 -8.60
N GLY B 21 -19.36 -4.09 -8.83
CA GLY B 21 -18.05 -4.15 -9.47
C GLY B 21 -16.99 -4.67 -8.51
N ALA B 22 -16.14 -5.54 -9.04
CA ALA B 22 -15.10 -6.23 -8.29
C ALA B 22 -13.75 -5.87 -8.86
N PHE B 23 -12.85 -5.41 -7.99
CA PHE B 23 -11.55 -4.86 -8.42
C PHE B 23 -10.34 -5.51 -7.79
N ASN B 24 -9.49 -6.00 -8.69
CA ASN B 24 -8.21 -6.49 -8.34
C ASN B 24 -7.43 -5.34 -7.83
N VAL B 25 -6.94 -5.50 -6.62
CA VAL B 25 -6.06 -4.56 -5.98
C VAL B 25 -4.72 -5.19 -5.83
N ASN B 26 -3.69 -4.38 -5.86
CA ASN B 26 -2.36 -4.89 -5.69
C ASN B 26 -1.50 -4.11 -4.74
N ASN B 27 -1.96 -2.90 -4.36
CA ASN B 27 -1.23 -1.96 -3.48
C ASN B 27 -2.18 -0.87 -2.82
N MET B 28 -1.63 0.20 -2.24
CA MET B 28 -2.44 1.17 -1.49
C MET B 28 -3.17 2.16 -2.40
N GLU B 29 -2.42 2.82 -3.28
CA GLU B 29 -3.03 3.81 -4.17
C GLU B 29 -4.25 3.24 -4.89
N GLN B 30 -4.25 1.94 -5.17
CA GLN B 30 -5.37 1.29 -5.79
C GLN B 30 -6.52 1.10 -4.77
N ILE B 31 -6.27 0.34 -3.71
CA ILE B 31 -7.30 0.12 -2.72
C ILE B 31 -7.98 1.46 -2.43
N GLN B 32 -7.17 2.51 -2.43
CA GLN B 32 -7.63 3.87 -2.16
C GLN B 32 -8.50 4.46 -3.27
N GLY B 33 -8.06 4.34 -4.52
CA GLY B 33 -8.84 4.81 -5.67
C GLY B 33 -10.25 4.23 -5.70
N ILE B 34 -10.34 2.90 -5.80
CA ILE B 34 -11.58 2.18 -5.61
C ILE B 34 -12.43 2.72 -4.44
N MET B 35 -11.87 2.67 -3.22
CA MET B 35 -12.59 3.13 -2.04
C MET B 35 -13.18 4.54 -2.20
N LYS B 36 -12.35 5.49 -2.63
CA LYS B 36 -12.87 6.82 -2.84
C LYS B 36 -14.12 6.78 -3.75
N ALA B 37 -14.17 5.90 -4.75
CA ALA B 37 -15.32 5.88 -5.66
C ALA B 37 -16.59 5.31 -5.01
N VAL B 38 -16.52 4.06 -4.56
CA VAL B 38 -17.63 3.44 -3.85
C VAL B 38 -18.22 4.29 -2.75
N VAL B 39 -17.36 4.93 -1.93
CA VAL B 39 -17.82 5.89 -0.89
C VAL B 39 -18.60 7.11 -1.46
N GLN B 40 -18.04 7.75 -2.48
CA GLN B 40 -18.70 8.88 -3.16
C GLN B 40 -20.11 8.52 -3.61
N LEU B 41 -20.26 7.32 -4.18
CA LEU B 41 -21.55 6.86 -4.68
C LEU B 41 -22.22 5.90 -3.70
N LYS B 42 -21.81 5.95 -2.43
CA LYS B 42 -22.46 5.18 -1.36
C LYS B 42 -22.78 3.78 -1.83
N SER B 43 -21.75 3.02 -2.18
CA SER B 43 -21.95 1.82 -2.97
C SER B 43 -21.28 0.65 -2.29
N PRO B 44 -21.82 -0.58 -2.47
CA PRO B 44 -21.10 -1.71 -1.87
C PRO B 44 -19.87 -1.97 -2.75
N VAL B 45 -18.91 -2.76 -2.28
CA VAL B 45 -17.69 -3.00 -3.06
C VAL B 45 -17.12 -4.36 -2.76
N ILE B 46 -16.47 -4.93 -3.76
CA ILE B 46 -15.72 -6.19 -3.65
C ILE B 46 -14.28 -5.87 -3.94
N LEU B 47 -13.37 -6.17 -3.01
CA LEU B 47 -11.96 -5.97 -3.30
C LEU B 47 -11.33 -7.32 -3.50
N GLN B 48 -10.73 -7.52 -4.69
CA GLN B 48 -10.17 -8.80 -5.15
C GLN B 48 -8.67 -8.86 -5.05
N CYS B 49 -8.19 -9.91 -4.40
CA CYS B 49 -6.76 -10.15 -4.43
C CYS B 49 -6.45 -11.46 -5.06
N SER B 50 -6.03 -11.39 -6.33
CA SER B 50 -5.42 -12.52 -7.03
C SER B 50 -4.14 -13.04 -6.39
N ARG B 51 -3.82 -14.28 -6.73
CA ARG B 51 -2.75 -15.01 -6.11
C ARG B 51 -1.46 -14.31 -6.37
N GLY B 52 -1.40 -13.54 -7.47
CA GLY B 52 -0.25 -12.71 -7.86
C GLY B 52 -0.14 -11.45 -7.01
N ALA B 53 -1.28 -10.83 -6.72
CA ALA B 53 -1.40 -9.73 -5.77
C ALA B 53 -0.91 -10.07 -4.34
N LEU B 54 -1.36 -11.18 -3.78
CA LEU B 54 -0.85 -11.68 -2.51
C LEU B 54 0.68 -11.81 -2.49
N LYS B 55 1.24 -12.56 -3.43
CA LYS B 55 2.71 -12.66 -3.52
C LYS B 55 3.34 -11.28 -3.73
N TYR B 56 2.80 -10.48 -4.67
CA TYR B 56 3.34 -9.14 -4.92
C TYR B 56 3.49 -8.43 -3.60
N SER B 57 2.52 -8.60 -2.72
CA SER B 57 2.52 -7.84 -1.50
C SER B 57 2.93 -8.68 -0.25
N ASP B 58 3.61 -9.81 -0.48
CA ASP B 58 3.97 -10.82 0.55
C ASP B 58 2.84 -11.00 1.58
N MET B 59 1.60 -11.12 1.08
CA MET B 59 0.35 -11.34 1.87
C MET B 59 -0.02 -10.28 2.92
N ILE B 60 0.87 -10.08 3.89
CA ILE B 60 0.61 -9.23 5.06
C ILE B 60 0.26 -7.79 4.66
N TYR B 61 1.05 -7.15 3.84
CA TYR B 61 0.74 -5.78 3.46
C TYR B 61 -0.64 -5.63 2.85
N LEU B 62 -1.00 -6.58 2.01
CA LEU B 62 -2.33 -6.56 1.44
C LEU B 62 -3.45 -6.81 2.46
N LYS B 63 -3.28 -7.76 3.37
CA LYS B 63 -4.31 -7.95 4.42
C LYS B 63 -4.47 -6.62 5.13
N LYS B 64 -3.35 -6.11 5.62
CA LYS B 64 -3.32 -4.85 6.35
C LYS B 64 -3.96 -3.65 5.60
N LEU B 65 -3.58 -3.44 4.34
CA LEU B 65 -4.19 -2.36 3.55
C LEU B 65 -5.69 -2.49 3.57
N CYS B 66 -6.16 -3.71 3.39
CA CYS B 66 -7.59 -3.95 3.41
C CYS B 66 -8.19 -3.59 4.74
N GLU B 67 -7.53 -3.94 5.84
CA GLU B 67 -8.15 -3.67 7.14
C GLU B 67 -8.23 -2.18 7.40
N ALA B 68 -7.38 -1.44 6.73
CA ALA B 68 -7.46 0.00 6.80
C ALA B 68 -8.76 0.44 6.17
N ALA B 69 -9.10 -0.15 5.02
CA ALA B 69 -10.31 0.29 4.33
C ALA B 69 -11.55 -0.04 5.14
N LEU B 70 -11.60 -1.27 5.69
CA LEU B 70 -12.74 -1.74 6.48
C LEU B 70 -12.99 -0.77 7.59
N GLU B 71 -11.89 -0.24 8.13
CA GLU B 71 -11.93 0.54 9.35
C GLU B 71 -12.13 2.00 9.02
N LYS B 72 -11.65 2.45 7.87
CA LYS B 72 -11.84 3.83 7.45
C LYS B 72 -13.30 4.12 7.07
N HIS B 73 -13.96 3.12 6.47
CA HIS B 73 -15.30 3.24 5.89
C HIS B 73 -16.26 2.13 6.39
N PRO B 74 -16.58 2.17 7.70
CA PRO B 74 -17.19 1.00 8.36
C PRO B 74 -18.67 0.84 8.04
N ASP B 75 -19.26 1.79 7.34
CA ASP B 75 -20.67 1.65 7.02
C ASP B 75 -20.80 1.35 5.51
N ILE B 76 -19.73 0.81 4.92
CA ILE B 76 -19.70 0.51 3.50
C ILE B 76 -19.35 -0.96 3.39
N PRO B 77 -20.30 -1.76 2.92
CA PRO B 77 -20.13 -3.19 2.79
C PRO B 77 -18.99 -3.53 1.83
N ILE B 78 -17.89 -4.01 2.42
CA ILE B 78 -16.69 -4.35 1.69
C ILE B 78 -16.50 -5.83 1.80
N CYS B 79 -16.29 -6.49 0.68
CA CYS B 79 -16.01 -7.93 0.65
C CYS B 79 -14.63 -8.07 0.05
N ILE B 80 -13.84 -8.94 0.67
CA ILE B 80 -12.45 -9.22 0.28
C ILE B 80 -12.38 -10.66 -0.26
N HIS B 81 -11.81 -10.83 -1.45
CA HIS B 81 -12.11 -11.99 -2.25
C HIS B 81 -10.88 -12.44 -3.02
N LEU B 82 -10.48 -13.66 -2.74
CA LEU B 82 -9.39 -14.32 -3.42
C LEU B 82 -9.91 -14.52 -4.82
N ASP B 83 -9.15 -14.06 -5.79
CA ASP B 83 -9.59 -14.15 -7.17
C ASP B 83 -8.86 -15.29 -7.88
N HIS B 84 -9.57 -16.17 -8.58
CA HIS B 84 -8.85 -17.23 -9.30
C HIS B 84 -8.09 -18.17 -8.34
N GLY B 85 -8.76 -18.63 -7.30
CA GLY B 85 -8.13 -19.63 -6.44
C GLY B 85 -7.68 -20.77 -7.30
N ASP B 86 -6.54 -21.40 -6.98
CA ASP B 86 -6.18 -22.65 -7.72
C ASP B 86 -6.34 -23.94 -6.89
N THR B 87 -5.61 -23.98 -5.78
CA THR B 87 -5.66 -25.08 -4.85
C THR B 87 -6.65 -24.74 -3.76
N LEU B 88 -6.65 -25.58 -2.72
CA LEU B 88 -7.54 -25.48 -1.59
C LEU B 88 -6.79 -24.73 -0.50
N GLU B 89 -5.46 -24.78 -0.62
CA GLU B 89 -4.50 -24.29 0.35
C GLU B 89 -4.27 -22.81 0.21
N SER B 90 -4.45 -22.31 -1.01
CA SER B 90 -4.55 -20.88 -1.29
C SER B 90 -5.74 -20.32 -0.53
N VAL B 91 -6.81 -21.09 -0.49
CA VAL B 91 -8.00 -20.60 0.14
C VAL B 91 -7.82 -20.63 1.66
N LYS B 92 -7.15 -21.67 2.17
CA LYS B 92 -6.78 -21.72 3.58
C LYS B 92 -5.98 -20.46 3.89
N MET B 93 -5.09 -20.13 2.95
CA MET B 93 -4.30 -18.90 3.02
C MET B 93 -5.19 -17.64 3.10
N ALA B 94 -6.09 -17.44 2.11
CA ALA B 94 -6.96 -16.23 2.07
C ALA B 94 -7.91 -16.17 3.26
N ILE B 95 -8.45 -17.31 3.62
CA ILE B 95 -9.27 -17.37 4.80
C ILE B 95 -8.46 -16.95 6.00
N ASP B 96 -7.28 -17.52 6.19
CA ASP B 96 -6.40 -17.06 7.26
C ASP B 96 -6.16 -15.55 7.33
N LEU B 97 -6.20 -14.89 6.18
CA LEU B 97 -6.00 -13.44 6.06
C LEU B 97 -7.21 -12.58 6.49
N GLY B 98 -8.26 -13.20 7.02
CA GLY B 98 -9.47 -12.46 7.42
C GLY B 98 -10.35 -12.03 6.27
N PHE B 99 -10.06 -12.63 5.10
CA PHE B 99 -10.85 -12.65 3.87
C PHE B 99 -12.22 -13.27 4.12
N SER B 100 -13.23 -12.88 3.31
CA SER B 100 -14.63 -13.31 3.51
C SER B 100 -15.38 -13.84 2.29
N SER B 101 -14.67 -14.05 1.19
CA SER B 101 -15.18 -14.74 -0.02
C SER B 101 -14.01 -15.39 -0.79
N VAL B 102 -14.27 -16.48 -1.47
CA VAL B 102 -13.21 -17.18 -2.19
C VAL B 102 -13.65 -17.67 -3.56
N MET B 103 -12.76 -17.57 -4.53
CA MET B 103 -13.02 -18.20 -5.81
C MET B 103 -12.11 -19.40 -6.03
N ILE B 104 -12.71 -20.52 -6.34
CA ILE B 104 -11.94 -21.66 -6.71
C ILE B 104 -12.13 -21.84 -8.23
N ASP B 105 -11.05 -21.68 -9.01
CA ASP B 105 -11.07 -21.73 -10.48
C ASP B 105 -10.51 -23.03 -10.99
N ALA B 106 -11.37 -24.02 -11.17
CA ALA B 106 -10.99 -25.31 -11.81
C ALA B 106 -11.66 -25.48 -13.17
N SER B 107 -12.14 -24.38 -13.73
CA SER B 107 -12.90 -24.41 -14.97
C SER B 107 -12.13 -25.01 -16.18
N HIS B 108 -10.82 -25.18 -16.00
CA HIS B 108 -9.97 -25.79 -17.03
C HIS B 108 -9.94 -27.32 -16.93
N HIS B 109 -10.55 -27.86 -15.86
CA HIS B 109 -10.70 -29.30 -15.76
C HIS B 109 -11.98 -29.77 -16.38
N PRO B 110 -12.05 -31.06 -16.75
CA PRO B 110 -13.36 -31.60 -17.14
C PRO B 110 -14.39 -31.56 -15.99
N PHE B 111 -15.66 -31.39 -16.32
CA PHE B 111 -16.72 -31.33 -15.31
C PHE B 111 -16.47 -31.99 -13.93
N ASP B 112 -16.17 -33.29 -13.93
CA ASP B 112 -16.15 -34.08 -12.69
C ASP B 112 -15.00 -33.74 -11.75
N GLU B 113 -13.90 -33.25 -12.34
CA GLU B 113 -12.69 -32.86 -11.62
C GLU B 113 -12.91 -31.48 -11.02
N ASN B 114 -13.35 -30.57 -11.89
CA ASN B 114 -13.78 -29.24 -11.55
C ASN B 114 -14.83 -29.32 -10.44
N VAL B 115 -15.82 -30.19 -10.60
CA VAL B 115 -16.82 -30.43 -9.53
C VAL B 115 -16.17 -30.80 -8.20
N ARG B 116 -15.11 -31.59 -8.24
CA ARG B 116 -14.61 -32.19 -7.00
C ARG B 116 -13.77 -31.17 -6.23
N ILE B 117 -12.87 -30.50 -6.96
CA ILE B 117 -12.02 -29.46 -6.43
C ILE B 117 -12.96 -28.45 -5.74
N THR B 118 -13.96 -28.01 -6.51
CA THR B 118 -14.89 -27.01 -6.00
C THR B 118 -15.56 -27.44 -4.67
N LYS B 119 -16.12 -28.64 -4.66
CA LYS B 119 -16.79 -29.22 -3.49
C LYS B 119 -15.87 -29.25 -2.26
N GLU B 120 -14.58 -29.43 -2.49
CA GLU B 120 -13.65 -29.54 -1.37
C GLU B 120 -13.44 -28.16 -0.77
N VAL B 121 -13.44 -27.13 -1.64
CA VAL B 121 -13.30 -25.74 -1.23
C VAL B 121 -14.56 -25.29 -0.54
N VAL B 122 -15.68 -25.57 -1.17
CA VAL B 122 -16.95 -25.24 -0.57
C VAL B 122 -17.01 -25.78 0.86
N ALA B 123 -16.58 -27.03 1.06
CA ALA B 123 -16.78 -27.72 2.37
C ALA B 123 -16.04 -26.98 3.47
N TYR B 124 -14.78 -26.67 3.20
CA TYR B 124 -13.99 -25.77 4.04
C TYR B 124 -14.69 -24.41 4.34
N ALA B 125 -14.96 -23.65 3.28
CA ALA B 125 -15.31 -22.23 3.38
C ALA B 125 -16.61 -21.94 4.12
N HIS B 126 -17.69 -22.55 3.64
CA HIS B 126 -19.01 -22.51 4.29
C HIS B 126 -18.98 -22.97 5.79
N ALA B 127 -18.11 -23.92 6.09
CA ALA B 127 -17.83 -24.26 7.45
C ALA B 127 -17.39 -23.01 8.20
N ARG B 128 -16.70 -22.10 7.52
CA ARG B 128 -16.28 -20.84 8.17
C ARG B 128 -17.21 -19.62 7.91
N GLY B 129 -18.23 -19.83 7.08
CA GLY B 129 -19.17 -18.77 6.77
C GLY B 129 -18.77 -18.00 5.53
N VAL B 130 -17.52 -18.24 5.10
CA VAL B 130 -16.93 -17.65 3.90
C VAL B 130 -17.63 -18.17 2.69
N SER B 131 -17.89 -17.31 1.71
CA SER B 131 -18.65 -17.68 0.51
C SER B 131 -17.73 -18.23 -0.57
N VAL B 132 -18.31 -18.88 -1.58
CA VAL B 132 -17.52 -19.42 -2.69
C VAL B 132 -18.12 -19.23 -4.07
N GLU B 133 -17.27 -18.68 -4.95
CA GLU B 133 -17.53 -18.46 -6.38
C GLU B 133 -16.75 -19.49 -7.24
N ALA B 134 -17.40 -20.01 -8.28
CA ALA B 134 -16.77 -20.98 -9.17
C ALA B 134 -17.05 -20.64 -10.64
N GLU B 135 -16.47 -21.40 -11.55
CA GLU B 135 -16.58 -21.09 -12.97
C GLU B 135 -16.84 -22.32 -13.84
N LEU B 136 -17.71 -22.16 -14.84
CA LEU B 136 -18.05 -23.25 -15.75
C LEU B 136 -17.91 -22.84 -17.21
N GLY B 137 -17.53 -23.80 -18.06
CA GLY B 137 -17.52 -23.63 -19.52
C GLY B 137 -16.20 -23.11 -20.08
N THR B 153 -21.84 -22.63 -23.29
CA THR B 153 -22.06 -22.93 -21.85
C THR B 153 -23.48 -23.43 -21.56
N GLU B 154 -23.60 -24.74 -21.38
CA GLU B 154 -24.91 -25.36 -21.24
C GLU B 154 -25.56 -24.95 -19.92
N PRO B 155 -26.77 -24.36 -20.00
CA PRO B 155 -27.60 -24.07 -18.81
C PRO B 155 -27.74 -25.25 -17.84
N GLN B 156 -28.04 -26.45 -18.35
CA GLN B 156 -28.11 -27.65 -17.51
C GLN B 156 -26.75 -27.92 -16.85
N ASP B 157 -25.68 -27.98 -17.66
CA ASP B 157 -24.35 -28.04 -17.11
C ASP B 157 -24.28 -27.19 -15.84
N ALA B 158 -24.67 -25.92 -15.93
CA ALA B 158 -24.71 -25.02 -14.78
C ALA B 158 -25.47 -25.62 -13.60
N LYS B 159 -26.77 -25.88 -13.87
CA LYS B 159 -27.70 -26.47 -12.93
C LYS B 159 -27.07 -27.68 -12.25
N LYS B 160 -26.41 -28.55 -13.01
CA LYS B 160 -25.71 -29.71 -12.41
C LYS B 160 -24.58 -29.15 -11.53
N PHE B 161 -23.72 -28.35 -12.17
CA PHE B 161 -22.61 -27.80 -11.46
C PHE B 161 -23.02 -27.22 -10.09
N VAL B 162 -24.03 -26.37 -10.08
CA VAL B 162 -24.39 -25.70 -8.87
C VAL B 162 -24.99 -26.70 -7.91
N GLU B 163 -26.03 -27.41 -8.33
CA GLU B 163 -26.65 -28.43 -7.48
C GLU B 163 -25.60 -29.36 -6.84
N LEU B 164 -24.67 -29.88 -7.64
CA LEU B 164 -23.59 -30.73 -7.14
C LEU B 164 -22.50 -30.05 -6.27
N THR B 165 -22.54 -28.71 -6.09
CA THR B 165 -21.49 -27.96 -5.34
C THR B 165 -21.94 -26.88 -4.35
N GLY B 166 -23.09 -26.23 -4.60
CA GLY B 166 -23.71 -25.39 -3.57
C GLY B 166 -23.05 -24.03 -3.33
N VAL B 167 -22.10 -23.71 -4.22
CA VAL B 167 -21.45 -22.40 -4.32
C VAL B 167 -22.41 -21.25 -4.22
N ASP B 168 -21.94 -20.08 -3.81
CA ASP B 168 -22.82 -18.91 -3.70
C ASP B 168 -22.85 -18.10 -5.00
N ALA B 169 -21.97 -18.40 -5.96
CA ALA B 169 -22.05 -17.75 -7.28
C ALA B 169 -21.22 -18.32 -8.43
N LEU B 170 -21.72 -18.05 -9.64
CA LEU B 170 -21.16 -18.64 -10.84
C LEU B 170 -20.56 -17.66 -11.85
N ALA B 171 -19.27 -17.79 -12.04
CA ALA B 171 -18.64 -17.24 -13.21
C ALA B 171 -19.13 -17.98 -14.49
N VAL B 172 -19.91 -17.30 -15.33
CA VAL B 172 -20.36 -17.85 -16.62
C VAL B 172 -19.52 -17.34 -17.80
N ALA B 173 -19.58 -18.05 -18.92
CA ALA B 173 -18.77 -17.70 -20.09
C ALA B 173 -19.62 -17.10 -21.19
N ILE B 174 -19.63 -15.88 -21.51
CA ILE B 174 -20.24 -15.31 -22.71
C ILE B 174 -19.20 -14.57 -23.56
N GLY B 175 -18.00 -15.13 -23.67
CA GLY B 175 -17.00 -14.59 -24.57
C GLY B 175 -16.53 -13.17 -24.25
N THR B 176 -16.16 -12.96 -22.98
CA THR B 176 -15.21 -11.88 -22.63
C THR B 176 -13.87 -12.60 -22.48
N SER B 177 -12.78 -11.88 -22.19
CA SER B 177 -11.51 -12.56 -21.83
C SER B 177 -10.52 -11.56 -21.26
N HIS B 178 -9.58 -12.08 -20.47
CA HIS B 178 -8.65 -11.24 -19.71
C HIS B 178 -7.75 -10.32 -20.58
N GLY B 179 -7.40 -9.16 -20.03
CA GLY B 179 -6.47 -8.23 -20.69
C GLY B 179 -7.07 -7.22 -21.65
N ALA B 180 -6.20 -6.33 -22.12
CA ALA B 180 -6.60 -5.23 -23.02
C ALA B 180 -7.02 -5.65 -24.44
N TYR B 181 -6.90 -6.93 -24.79
CA TYR B 181 -7.00 -7.37 -26.19
C TYR B 181 -8.01 -8.52 -26.40
N LYS B 182 -9.29 -8.15 -26.46
CA LYS B 182 -10.41 -9.09 -26.31
C LYS B 182 -11.07 -9.46 -27.64
N PHE B 183 -11.12 -8.48 -28.55
CA PHE B 183 -11.66 -8.65 -29.89
C PHE B 183 -10.76 -7.88 -30.87
N LYS B 184 -10.59 -8.42 -32.08
CA LYS B 184 -9.63 -7.86 -33.05
C LYS B 184 -9.82 -6.38 -33.40
N SER B 185 -11.09 -5.95 -33.45
CA SER B 185 -11.42 -4.54 -33.68
C SER B 185 -12.70 -4.16 -32.91
N GLU B 186 -13.07 -2.89 -32.99
CA GLU B 186 -14.21 -2.35 -32.23
C GLU B 186 -15.45 -2.08 -33.10
N LEU B 191 -21.23 -11.23 -27.85
CA LEU B 191 -21.59 -11.62 -26.48
C LEU B 191 -23.02 -12.20 -26.40
N ALA B 192 -23.23 -13.09 -25.43
CA ALA B 192 -24.43 -13.90 -25.33
C ALA B 192 -25.22 -13.64 -24.05
N ILE B 193 -26.04 -12.59 -24.06
CA ILE B 193 -26.85 -12.24 -22.88
C ILE B 193 -28.00 -13.22 -22.86
N ASP B 194 -28.39 -13.63 -24.06
CA ASP B 194 -29.38 -14.66 -24.28
C ASP B 194 -29.13 -15.90 -23.41
N ARG B 195 -27.88 -16.20 -23.06
CA ARG B 195 -27.57 -17.37 -22.22
C ARG B 195 -27.54 -17.06 -20.73
N VAL B 196 -27.24 -15.81 -20.39
CA VAL B 196 -27.10 -15.39 -19.01
C VAL B 196 -28.39 -15.58 -18.24
N LYS B 197 -29.52 -15.17 -18.83
CA LYS B 197 -30.83 -15.32 -18.17
C LYS B 197 -31.20 -16.79 -17.83
N THR B 198 -31.27 -17.67 -18.83
CA THR B 198 -31.63 -19.04 -18.52
C THR B 198 -30.73 -19.48 -17.38
N ILE B 199 -29.42 -19.35 -17.59
CA ILE B 199 -28.46 -19.79 -16.58
C ILE B 199 -28.89 -19.23 -15.23
N SER B 200 -29.07 -17.93 -15.16
CA SER B 200 -29.63 -17.30 -13.96
C SER B 200 -30.89 -18.02 -13.46
N ASP B 201 -31.90 -18.14 -14.33
CA ASP B 201 -33.23 -18.68 -13.96
C ASP B 201 -33.13 -20.12 -13.40
N LEU B 202 -32.57 -21.03 -14.21
CA LEU B 202 -32.42 -22.45 -13.87
C LEU B 202 -31.47 -22.79 -12.71
N THR B 203 -30.82 -21.77 -12.13
CA THR B 203 -29.81 -21.96 -11.08
C THR B 203 -30.19 -21.27 -9.80
N GLY B 204 -30.83 -20.10 -9.91
CA GLY B 204 -31.34 -19.37 -8.74
C GLY B 204 -30.28 -18.59 -7.98
N ILE B 205 -29.04 -18.66 -8.47
CA ILE B 205 -27.89 -17.99 -7.85
C ILE B 205 -27.36 -16.82 -8.68
N PRO B 206 -26.61 -15.91 -8.04
CA PRO B 206 -26.00 -14.84 -8.84
C PRO B 206 -24.88 -15.35 -9.78
N LEU B 207 -24.80 -14.73 -10.94
CA LEU B 207 -23.77 -15.05 -11.94
C LEU B 207 -22.71 -13.98 -11.88
N VAL B 208 -21.59 -14.25 -12.53
CA VAL B 208 -20.43 -13.42 -12.43
C VAL B 208 -19.83 -13.31 -13.80
N MET B 209 -19.39 -12.10 -14.15
CA MET B 209 -18.68 -11.81 -15.40
C MET B 209 -17.20 -11.47 -15.21
N HIS B 210 -16.33 -12.46 -15.38
CA HIS B 210 -14.92 -12.13 -15.48
C HIS B 210 -14.68 -11.52 -16.88
N GLY B 211 -13.57 -10.82 -17.03
CA GLY B 211 -13.16 -10.26 -18.30
C GLY B 211 -13.92 -9.03 -18.72
N SER B 212 -14.31 -8.20 -17.76
CA SER B 212 -15.24 -7.10 -18.09
C SER B 212 -14.71 -5.68 -17.95
N SER B 213 -13.42 -5.53 -18.30
CA SER B 213 -12.84 -4.21 -18.53
C SER B 213 -13.41 -3.66 -19.81
N SER B 214 -13.29 -2.35 -20.00
CA SER B 214 -13.94 -1.67 -21.12
C SER B 214 -12.91 -1.03 -22.05
N VAL B 215 -11.67 -0.96 -21.59
CA VAL B 215 -10.72 0.02 -22.10
C VAL B 215 -11.42 1.29 -22.55
N PRO B 216 -12.11 1.96 -21.63
CA PRO B 216 -12.59 3.32 -21.85
C PRO B 216 -11.60 4.15 -22.65
N LYS B 217 -12.10 5.15 -23.37
CA LYS B 217 -11.49 5.59 -24.61
C LYS B 217 -10.58 6.66 -24.20
N ASP B 218 -10.94 7.26 -23.09
CA ASP B 218 -10.07 8.28 -22.46
C ASP B 218 -8.83 7.66 -21.81
N VAL B 219 -9.06 6.60 -21.02
CA VAL B 219 -7.96 5.76 -20.51
C VAL B 219 -6.96 5.51 -21.62
N LYS B 220 -7.43 4.91 -22.73
CA LYS B 220 -6.54 4.45 -23.79
C LYS B 220 -5.75 5.57 -24.50
N ASP B 221 -6.45 6.52 -25.09
CA ASP B 221 -5.77 7.59 -25.83
C ASP B 221 -4.63 8.23 -25.02
N MET B 222 -4.83 8.35 -23.70
CA MET B 222 -3.89 8.99 -22.78
C MET B 222 -2.63 8.20 -22.56
N ILE B 223 -2.76 6.88 -22.37
CA ILE B 223 -1.60 5.99 -22.35
C ILE B 223 -0.85 6.08 -23.67
N ASN B 224 -1.61 6.05 -24.77
CA ASN B 224 -1.04 5.94 -26.11
C ASN B 224 -0.30 7.17 -26.64
N LYS B 225 -0.84 8.34 -26.33
CA LYS B 225 -0.24 9.64 -26.64
C LYS B 225 0.95 10.03 -25.75
N TYR B 226 1.20 9.29 -24.66
CA TYR B 226 2.28 9.65 -23.68
C TYR B 226 3.46 8.68 -23.58
N GLY B 227 3.81 8.09 -24.72
CA GLY B 227 4.96 7.19 -24.82
C GLY B 227 4.59 5.71 -24.84
N GLY B 228 3.33 5.39 -24.54
CA GLY B 228 2.88 4.02 -24.52
C GLY B 228 2.41 3.49 -25.85
N LYS B 229 2.30 2.16 -25.94
CA LYS B 229 2.02 1.43 -27.17
C LYS B 229 0.99 0.30 -26.95
N MET B 230 -0.28 0.64 -27.14
CA MET B 230 -1.35 -0.36 -27.23
C MET B 230 -2.39 0.06 -28.25
N PRO B 231 -1.95 0.30 -29.49
CA PRO B 231 -2.79 0.94 -30.50
C PRO B 231 -3.99 0.06 -30.89
N ASP B 232 -4.06 -1.12 -30.29
CA ASP B 232 -5.24 -1.98 -30.43
C ASP B 232 -6.31 -1.91 -29.33
N ALA B 233 -6.15 -2.76 -28.31
CA ALA B 233 -6.90 -2.64 -27.07
C ALA B 233 -8.40 -2.40 -26.96
N VAL B 234 -9.18 -3.24 -27.61
CA VAL B 234 -10.60 -3.36 -27.33
C VAL B 234 -11.06 -3.72 -25.92
N GLY B 235 -12.34 -3.51 -25.63
CA GLY B 235 -12.94 -3.94 -24.35
C GLY B 235 -14.42 -4.34 -24.43
N VAL B 236 -15.03 -4.64 -23.30
CA VAL B 236 -16.45 -4.82 -23.32
C VAL B 236 -17.09 -3.45 -23.17
N PRO B 237 -18.00 -3.09 -24.07
CA PRO B 237 -18.47 -1.74 -23.89
C PRO B 237 -19.60 -1.71 -22.88
N ILE B 238 -19.62 -0.68 -22.07
CA ILE B 238 -20.49 -0.71 -20.92
C ILE B 238 -21.95 -1.22 -21.18
N GLU B 239 -22.61 -0.72 -22.23
CA GLU B 239 -23.99 -1.13 -22.57
C GLU B 239 -24.16 -2.62 -22.49
N SER B 240 -23.19 -3.39 -23.00
CA SER B 240 -23.26 -4.83 -22.82
C SER B 240 -23.28 -5.26 -21.37
N ILE B 241 -22.47 -4.64 -20.50
CA ILE B 241 -22.54 -5.01 -19.08
C ILE B 241 -23.89 -4.58 -18.47
N VAL B 242 -24.37 -3.38 -18.78
CA VAL B 242 -25.66 -2.96 -18.22
C VAL B 242 -26.70 -4.02 -18.56
N HIS B 243 -26.74 -4.40 -19.84
CA HIS B 243 -27.70 -5.40 -20.34
C HIS B 243 -27.55 -6.68 -19.58
N ALA B 244 -26.38 -7.29 -19.68
CA ALA B 244 -26.08 -8.48 -18.88
C ALA B 244 -26.64 -8.32 -17.47
N ILE B 245 -26.34 -7.20 -16.83
CA ILE B 245 -26.64 -6.98 -15.41
C ILE B 245 -28.07 -7.32 -15.03
N GLY B 246 -29.02 -6.75 -15.76
CA GLY B 246 -30.44 -6.90 -15.41
C GLY B 246 -30.92 -8.30 -15.73
N GLU B 247 -30.18 -9.00 -16.59
CA GLU B 247 -30.55 -10.35 -16.91
C GLU B 247 -29.82 -11.33 -16.02
N GLY B 248 -29.49 -10.91 -14.79
CA GLY B 248 -28.97 -11.81 -13.77
C GLY B 248 -27.58 -11.48 -13.27
N VAL B 249 -26.63 -11.22 -14.19
CA VAL B 249 -25.21 -11.01 -13.82
C VAL B 249 -25.04 -10.00 -12.67
N CYS B 250 -24.54 -10.46 -11.51
CA CYS B 250 -24.44 -9.57 -10.30
C CYS B 250 -23.07 -9.02 -9.91
N LYS B 251 -22.02 -9.78 -10.21
CA LYS B 251 -20.65 -9.40 -9.83
C LYS B 251 -19.88 -9.14 -11.11
N ILE B 252 -19.30 -7.96 -11.24
CA ILE B 252 -18.56 -7.62 -12.47
C ILE B 252 -17.08 -7.37 -12.17
N ASN B 253 -16.21 -8.20 -12.76
CA ASN B 253 -14.75 -8.21 -12.46
C ASN B 253 -14.03 -7.24 -13.37
N VAL B 254 -13.35 -6.27 -12.77
CA VAL B 254 -12.74 -5.16 -13.50
C VAL B 254 -11.32 -5.03 -13.06
N ASP B 255 -10.39 -5.18 -14.00
CA ASP B 255 -8.94 -5.13 -13.68
C ASP B 255 -8.14 -4.18 -14.58
N SER B 256 -8.20 -4.42 -15.89
CA SER B 256 -7.37 -3.72 -16.86
C SER B 256 -7.56 -2.23 -16.82
N ASP B 257 -8.80 -1.80 -17.08
CA ASP B 257 -9.18 -0.42 -16.92
C ASP B 257 -8.38 0.25 -15.78
N SER B 258 -8.33 -0.37 -14.60
CA SER B 258 -7.64 0.21 -13.45
C SER B 258 -6.16 0.40 -13.73
N ARG B 259 -5.57 -0.62 -14.34
CA ARG B 259 -4.15 -0.62 -14.57
C ARG B 259 -3.92 0.50 -15.55
N MET B 260 -4.59 0.38 -16.70
CA MET B 260 -4.52 1.34 -17.78
C MET B 260 -4.63 2.81 -17.27
N ALA B 261 -5.61 3.07 -16.42
CA ALA B 261 -5.93 4.44 -16.03
C ALA B 261 -4.83 5.08 -15.18
N MET B 262 -4.24 4.30 -14.26
CA MET B 262 -3.10 4.75 -13.46
C MET B 262 -1.88 5.06 -14.37
N THR B 263 -1.66 4.17 -15.33
CA THR B 263 -0.50 4.26 -16.22
C THR B 263 -0.51 5.48 -17.18
N GLY B 264 -1.70 5.81 -17.69
CA GLY B 264 -1.87 7.00 -18.52
C GLY B 264 -1.41 8.22 -17.75
N ALA B 265 -1.91 8.37 -16.51
CA ALA B 265 -1.62 9.53 -15.65
C ALA B 265 -0.14 9.66 -15.31
N ILE B 266 0.44 8.60 -14.78
CA ILE B 266 1.88 8.56 -14.55
C ILE B 266 2.62 9.07 -15.78
N ARG B 267 2.34 8.48 -16.94
CA ARG B 267 3.00 8.85 -18.23
C ARG B 267 2.79 10.31 -18.57
N LYS B 268 1.57 10.79 -18.30
CA LYS B 268 1.18 12.18 -18.53
C LYS B 268 2.11 13.07 -17.75
N VAL B 269 2.11 12.86 -16.44
CA VAL B 269 2.89 13.64 -15.49
C VAL B 269 4.43 13.57 -15.74
N PHE B 270 4.91 12.44 -16.25
CA PHE B 270 6.30 12.27 -16.65
C PHE B 270 6.71 13.15 -17.86
N VAL B 271 5.80 13.32 -18.81
CA VAL B 271 6.01 14.16 -20.00
C VAL B 271 5.83 15.65 -19.67
N GLU B 272 4.68 15.97 -19.10
CA GLU B 272 4.34 17.35 -18.80
C GLU B 272 5.21 18.07 -17.72
N HIS B 273 5.97 17.33 -16.90
CA HIS B 273 6.91 17.89 -15.89
C HIS B 273 8.03 16.87 -15.47
N PRO B 274 9.01 16.62 -16.36
CA PRO B 274 10.07 15.62 -16.06
C PRO B 274 11.03 15.96 -14.93
N GLU B 275 10.81 17.09 -14.27
CA GLU B 275 11.62 17.47 -13.11
C GLU B 275 11.09 16.87 -11.80
N LYS B 276 9.87 16.35 -11.84
CA LYS B 276 9.28 15.81 -10.65
C LYS B 276 9.74 14.36 -10.47
N PHE B 277 9.96 13.95 -9.23
CA PHE B 277 10.45 12.61 -9.00
C PHE B 277 9.91 12.00 -7.74
N ASP B 278 9.25 12.80 -6.92
CA ASP B 278 8.56 12.23 -5.79
C ASP B 278 7.45 11.38 -6.35
N PRO B 279 7.52 10.08 -6.15
CA PRO B 279 6.48 9.25 -6.72
C PRO B 279 5.12 9.79 -6.32
N ARG B 280 4.98 10.36 -5.13
CA ARG B 280 3.67 10.89 -4.75
C ARG B 280 3.09 11.80 -5.83
N ASP B 281 3.98 12.43 -6.59
CA ASP B 281 3.61 13.42 -7.62
C ASP B 281 2.97 12.81 -8.86
N TYR B 282 3.12 11.49 -9.04
CA TYR B 282 2.38 10.75 -10.09
C TYR B 282 1.48 9.61 -9.58
N LEU B 283 1.88 8.89 -8.53
CA LEU B 283 0.99 7.91 -7.91
C LEU B 283 -0.31 8.55 -7.36
N GLY B 284 -0.17 9.72 -6.73
CA GLY B 284 -1.32 10.51 -6.25
C GLY B 284 -2.40 10.80 -7.29
N PRO B 285 -2.01 11.19 -8.51
CA PRO B 285 -2.84 11.26 -9.72
C PRO B 285 -3.18 9.92 -10.36
N GLY B 286 -2.22 9.00 -10.38
CA GLY B 286 -2.47 7.67 -10.93
C GLY B 286 -3.60 7.14 -10.08
N ARG B 287 -3.73 7.67 -8.87
CA ARG B 287 -4.82 7.23 -8.01
C ARG B 287 -6.10 7.90 -8.42
N ASP B 288 -6.09 9.23 -8.54
CA ASP B 288 -7.33 9.98 -8.82
C ASP B 288 -7.97 9.62 -10.16
N ALA B 289 -7.18 9.18 -11.13
CA ALA B 289 -7.78 8.67 -12.35
C ALA B 289 -8.52 7.37 -12.05
N ILE B 290 -7.88 6.42 -11.40
CA ILE B 290 -8.57 5.17 -11.10
C ILE B 290 -10.02 5.52 -10.67
N THR B 291 -10.13 6.40 -9.67
CA THR B 291 -11.38 6.86 -9.05
C THR B 291 -12.35 7.54 -10.04
N GLU B 292 -11.80 8.37 -10.94
CA GLU B 292 -12.58 9.02 -11.96
C GLU B 292 -13.13 7.99 -12.94
N MET B 293 -12.26 7.23 -13.60
CA MET B 293 -12.70 6.17 -14.49
C MET B 293 -13.76 5.27 -13.81
N LEU B 294 -13.53 4.92 -12.54
CA LEU B 294 -14.44 4.02 -11.82
C LEU B 294 -15.86 4.56 -11.76
N ILE B 295 -15.99 5.88 -11.59
CA ILE B 295 -17.28 6.52 -11.20
C ILE B 295 -18.43 6.38 -12.18
N PRO B 296 -18.19 6.72 -13.48
CA PRO B 296 -19.31 6.42 -14.36
C PRO B 296 -19.59 4.91 -14.38
N LYS B 297 -18.50 4.14 -14.36
CA LYS B 297 -18.62 2.71 -14.46
C LYS B 297 -19.58 2.22 -13.36
N ILE B 298 -19.15 2.34 -12.11
CA ILE B 298 -19.99 1.98 -11.00
C ILE B 298 -21.43 2.45 -11.24
N LYS B 299 -21.60 3.75 -11.50
CA LYS B 299 -22.92 4.39 -11.69
C LYS B 299 -23.81 3.59 -12.63
N ALA B 300 -23.30 3.23 -13.81
CA ALA B 300 -24.06 2.40 -14.79
C ALA B 300 -24.26 0.97 -14.27
N PHE B 301 -23.42 0.53 -13.34
CA PHE B 301 -23.61 -0.81 -12.81
C PHE B 301 -24.89 -0.81 -11.97
N GLY B 302 -25.29 0.40 -11.56
CA GLY B 302 -26.49 0.62 -10.79
C GLY B 302 -26.41 0.14 -9.36
N SER B 303 -25.24 0.27 -8.74
CA SER B 303 -25.10 -0.09 -7.31
C SER B 303 -25.08 1.09 -6.38
N ALA B 304 -25.03 2.31 -6.93
CA ALA B 304 -24.97 3.52 -6.08
C ALA B 304 -26.16 3.65 -5.12
N GLY B 305 -25.92 4.21 -3.96
CA GLY B 305 -27.00 4.43 -3.03
C GLY B 305 -27.29 3.18 -2.27
N HIS B 306 -26.82 2.02 -2.77
CA HIS B 306 -27.28 0.79 -2.14
C HIS B 306 -26.48 0.38 -0.90
N ALA B 307 -25.34 1.05 -0.67
CA ALA B 307 -24.43 0.63 0.36
C ALA B 307 -25.10 0.34 1.70
N GLY B 308 -26.15 1.08 2.05
CA GLY B 308 -26.77 0.95 3.35
C GLY B 308 -28.15 0.34 3.29
N ASP B 309 -28.40 -0.55 2.32
CA ASP B 309 -29.66 -1.31 2.32
C ASP B 309 -29.78 -2.34 3.46
N TYR B 310 -28.67 -2.70 4.15
CA TYR B 310 -28.69 -3.91 4.99
C TYR B 310 -27.91 -4.06 6.34
N LYS B 311 -28.43 -4.88 7.24
CA LYS B 311 -27.64 -5.27 8.39
C LYS B 311 -26.67 -6.32 7.83
N VAL B 312 -25.38 -6.04 7.94
CA VAL B 312 -24.37 -6.91 7.34
C VAL B 312 -24.10 -8.10 8.23
N VAL B 313 -24.36 -9.30 7.76
CA VAL B 313 -24.07 -10.51 8.55
C VAL B 313 -22.57 -10.78 8.58
N SER B 314 -22.04 -11.08 9.75
CA SER B 314 -20.65 -11.45 9.90
C SER B 314 -20.43 -12.94 9.49
N LEU B 315 -19.17 -13.37 9.44
CA LEU B 315 -18.85 -14.77 9.14
C LEU B 315 -19.41 -15.82 10.15
N GLU B 316 -19.32 -15.56 11.46
CA GLU B 316 -19.80 -16.55 12.44
C GLU B 316 -21.29 -16.75 12.31
N GLU B 317 -22.00 -15.63 12.07
CA GLU B 317 -23.44 -15.64 11.82
C GLU B 317 -23.75 -16.18 10.44
N ALA B 318 -22.77 -16.07 9.52
CA ALA B 318 -22.89 -16.58 8.14
C ALA B 318 -22.85 -18.09 8.13
N LYS B 319 -22.27 -18.65 9.18
CA LYS B 319 -22.24 -20.10 9.42
C LYS B 319 -23.64 -20.72 9.47
N ALA B 320 -24.58 -20.03 10.13
CA ALA B 320 -25.95 -20.51 10.26
C ALA B 320 -26.51 -20.90 8.90
N TRP B 321 -26.43 -19.98 7.92
CA TRP B 321 -26.91 -20.27 6.56
C TRP B 321 -26.61 -21.72 6.12
N TYR B 322 -25.36 -22.16 6.28
CA TYR B 322 -24.95 -23.48 5.83
C TYR B 322 -25.32 -24.59 6.81
ZN ZN C . 14.79 18.79 10.51
S SO4 D . 16.34 14.48 2.07
O1 SO4 D . 15.40 15.65 2.09
O2 SO4 D . 17.78 14.84 1.86
O3 SO4 D . 16.18 13.72 3.35
O4 SO4 D . 16.02 13.61 0.92
S SO4 E . 7.45 15.41 2.80
O1 SO4 E . 6.41 16.47 2.77
O2 SO4 E . 8.48 15.83 3.80
O3 SO4 E . 6.87 14.13 3.31
O4 SO4 E . 8.04 15.21 1.43
S SO4 F . -2.62 -11.53 -11.80
O1 SO4 F . -3.17 -10.66 -10.71
O2 SO4 F . -2.84 -10.79 -13.05
O3 SO4 F . -1.18 -11.91 -11.54
O4 SO4 F . -3.30 -12.85 -11.90
ZN ZN G . -11.28 -14.83 -14.29
S SO4 H . -9.99 -7.64 -17.31
O1 SO4 H . -9.74 -6.58 -16.29
O2 SO4 H . -9.03 -7.52 -18.43
O3 SO4 H . -9.83 -8.97 -16.68
O4 SO4 H . -11.36 -7.44 -17.86
#